data_6AIY
#
_entry.id   6AIY
#
_cell.length_a   46.499
_cell.length_b   88.081
_cell.length_c   50.040
_cell.angle_alpha   90.00
_cell.angle_beta   114.42
_cell.angle_gamma   90.00
#
_symmetry.space_group_name_H-M   'P 1 21 1'
#
loop_
_entity.id
_entity.type
_entity.pdbx_description
1 polymer 'Decapping and exoribonuclease protein'
2 non-polymer "ADENOSINE-3'-5'-DIPHOSPHATE"
3 non-polymer 'MAGNESIUM ION'
4 water water
#
_entity_poly.entity_id   1
_entity_poly.type   'polypeptide(L)'
_entity_poly.pdbx_seq_one_letter_code
;MGSSHHHHHHSSGLVPRGSHPSLRTQPSLYSGPFPFYRRPSELGCFSLDAQRQYHGDARALRYYSPPPINGPGPDFDLRD
GYPDRYQPRDEEVQERLDHLLRWVLEHRNQLEGGPGWLAGATVTWRGHLTKLLTTPYERQEGWQLAASRFQGTLYLSEVE
TPAARAQRLARPPLLRELMYMGYKFEQYMCADKPGGSPDPSGEVNTNVAYCSVLRSRLGNHPLLFSGAVDCLNPQAPCTQ
PPSCYVELKTSKEMHSPGQWRSFYRHKLLKWWAQSFLPGVPHVVAGFRNPEGFVCSLKTFPTMEMFENVRNDREGWNPSV
CMNFCAAFLSFAQSTVVQDDPRLVHLFSWEPGGPVTVSVHRDAPYAFLPSWYVETMTQ
;
_entity_poly.pdbx_strand_id   A
#
loop_
_chem_comp.id
_chem_comp.type
_chem_comp.name
_chem_comp.formula
A3P RNA linking ADENOSINE-3'-5'-DIPHOSPHATE 'C10 H15 N5 O10 P2'
MG non-polymer 'MAGNESIUM ION' 'Mg 2'
#
# COMPACT_ATOMS: atom_id res chain seq x y z
N PRO A 21 -6.78 -27.92 3.26
CA PRO A 21 -6.22 -26.88 2.37
C PRO A 21 -5.87 -25.60 3.12
N SER A 22 -4.63 -25.52 3.62
CA SER A 22 -4.23 -24.39 4.45
C SER A 22 -2.74 -24.12 4.28
N LEU A 23 -2.30 -22.95 4.73
CA LEU A 23 -0.93 -22.52 4.54
C LEU A 23 -0.39 -21.95 5.84
N ARG A 24 0.72 -22.51 6.32
CA ARG A 24 1.30 -22.06 7.58
C ARG A 24 2.09 -20.76 7.40
N THR A 25 2.16 -19.98 8.48
CA THR A 25 2.71 -18.63 8.41
C THR A 25 3.86 -18.38 9.38
N GLN A 26 4.41 -19.41 10.03
CA GLN A 26 5.47 -19.14 11.01
C GLN A 26 6.75 -18.69 10.31
N PRO A 27 7.43 -17.67 10.83
CA PRO A 27 8.61 -17.14 10.15
C PRO A 27 9.69 -18.18 9.88
N SER A 28 9.88 -19.14 10.80
CA SER A 28 10.97 -20.11 10.61
C SER A 28 10.75 -21.01 9.41
N LEU A 29 9.53 -21.10 8.88
CA LEU A 29 9.32 -21.89 7.66
C LEU A 29 9.83 -21.19 6.41
N TYR A 30 10.13 -19.90 6.48
CA TYR A 30 10.42 -19.10 5.30
C TYR A 30 11.78 -18.40 5.39
N SER A 31 12.69 -18.93 6.21
CA SER A 31 13.92 -18.24 6.59
C SER A 31 15.09 -18.45 5.63
N GLY A 32 14.85 -18.95 4.42
CA GLY A 32 15.91 -19.15 3.45
C GLY A 32 16.41 -17.89 2.76
N PRO A 33 17.07 -18.07 1.62
CA PRO A 33 17.61 -16.91 0.89
C PRO A 33 16.50 -15.98 0.37
N PHE A 34 16.89 -14.74 0.09
CA PHE A 34 15.97 -13.72 -0.42
C PHE A 34 15.53 -14.08 -1.83
N PRO A 35 14.23 -14.18 -2.12
CA PRO A 35 13.80 -14.66 -3.44
C PRO A 35 14.06 -13.60 -4.50
N PHE A 36 13.84 -13.98 -5.75
CA PHE A 36 14.00 -13.02 -6.82
C PHE A 36 12.82 -12.06 -6.83
N TYR A 37 13.10 -10.75 -6.86
CA TYR A 37 12.07 -9.72 -6.99
C TYR A 37 12.53 -8.73 -8.05
N ARG A 38 11.86 -8.78 -9.20
CA ARG A 38 12.21 -7.95 -10.35
C ARG A 38 11.96 -6.47 -10.06
N ARG A 39 12.94 -5.63 -10.42
CA ARG A 39 12.84 -4.19 -10.28
C ARG A 39 11.52 -3.72 -10.88
N PRO A 40 10.68 -3.03 -10.11
CA PRO A 40 9.37 -2.62 -10.64
C PRO A 40 9.49 -1.56 -11.71
N SER A 41 8.62 -1.64 -12.71
CA SER A 41 8.52 -0.60 -13.72
C SER A 41 7.10 -0.03 -13.70
N GLU A 42 7.00 1.28 -13.92
CA GLU A 42 5.71 1.94 -13.92
C GLU A 42 5.11 1.84 -15.32
N LEU A 43 3.94 1.24 -15.40
CA LEU A 43 3.21 1.14 -16.66
C LEU A 43 2.31 2.34 -16.90
N GLY A 44 1.96 3.09 -15.86
CA GLY A 44 1.02 4.17 -16.01
C GLY A 44 0.60 4.70 -14.66
N CYS A 45 -0.51 5.44 -14.66
CA CYS A 45 -0.98 6.08 -13.44
C CYS A 45 -2.43 6.49 -13.65
N PHE A 46 -3.09 6.84 -12.55
CA PHE A 46 -4.41 7.47 -12.62
C PHE A 46 -4.60 8.30 -11.37
N SER A 47 -5.58 9.18 -11.42
CA SER A 47 -5.90 10.06 -10.31
C SER A 47 -7.37 9.88 -9.93
N LEU A 48 -7.65 10.10 -8.65
CA LEU A 48 -9.02 10.27 -8.16
C LEU A 48 -9.12 11.68 -7.61
N ASP A 49 -10.17 12.41 -7.98
CA ASP A 49 -10.22 13.83 -7.66
C ASP A 49 -10.99 14.05 -6.35
N ALA A 50 -11.28 15.31 -6.03
CA ALA A 50 -11.89 15.63 -4.74
C ALA A 50 -13.28 15.05 -4.61
N GLN A 51 -13.92 14.69 -5.72
CA GLN A 51 -15.20 14.01 -5.74
C GLN A 51 -15.06 12.51 -5.91
N ARG A 52 -13.83 11.99 -5.82
CA ARG A 52 -13.53 10.57 -6.03
C ARG A 52 -13.82 10.12 -7.46
N GLN A 53 -13.73 11.03 -8.44
CA GLN A 53 -13.89 10.65 -9.83
C GLN A 53 -12.55 10.27 -10.45
N TYR A 54 -12.56 9.18 -11.22
CA TYR A 54 -11.36 8.69 -11.89
C TYR A 54 -10.96 9.59 -13.07
N HIS A 55 -9.66 9.87 -13.19
CA HIS A 55 -9.09 10.50 -14.38
C HIS A 55 -7.81 9.77 -14.76
N GLY A 56 -7.63 9.52 -16.05
CA GLY A 56 -6.48 8.76 -16.52
C GLY A 56 -5.22 9.56 -16.70
N ASP A 57 -4.83 10.34 -15.69
CA ASP A 57 -3.68 11.22 -15.81
C ASP A 57 -3.15 11.51 -14.41
N ALA A 58 -2.17 12.41 -14.34
CA ALA A 58 -1.40 12.65 -13.12
C ALA A 58 -1.81 13.93 -12.42
N ARG A 59 -3.07 14.39 -12.61
CA ARG A 59 -3.46 15.68 -12.06
C ARG A 59 -3.38 15.70 -10.53
N ALA A 60 -3.50 14.55 -9.88
CA ALA A 60 -3.51 14.52 -8.41
C ALA A 60 -2.12 14.48 -7.80
N LEU A 61 -1.08 14.29 -8.61
CA LEU A 61 0.27 14.14 -8.08
C LEU A 61 0.75 15.45 -7.48
N ARG A 62 1.35 15.36 -6.29
CA ARG A 62 1.96 16.51 -5.64
C ARG A 62 3.47 16.35 -5.60
N TYR A 63 4.15 17.44 -5.22
CA TYR A 63 5.60 17.57 -5.40
C TYR A 63 6.27 17.81 -4.06
N TYR A 64 7.27 16.99 -3.76
CA TYR A 64 8.00 17.06 -2.51
C TYR A 64 8.64 18.44 -2.35
N SER A 65 8.38 19.08 -1.22
CA SER A 65 8.84 20.45 -0.97
C SER A 65 9.13 20.61 0.51
N PRO A 66 10.26 20.06 0.97
CA PRO A 66 10.56 20.04 2.40
C PRO A 66 11.04 21.40 2.89
N PRO A 67 11.20 21.60 4.19
CA PRO A 67 11.61 22.91 4.71
C PRO A 67 12.94 23.34 4.12
N PRO A 68 13.01 24.54 3.55
CA PRO A 68 14.26 25.00 2.92
C PRO A 68 15.41 24.97 3.91
N ILE A 69 16.43 24.16 3.60
CA ILE A 69 17.67 24.20 4.35
C ILE A 69 18.22 25.62 4.34
N ASN A 70 18.88 26.01 5.43
CA ASN A 70 19.22 27.41 5.70
C ASN A 70 17.94 28.23 5.89
N GLY A 71 17.09 27.75 6.80
CA GLY A 71 15.86 28.39 7.16
C GLY A 71 15.36 27.79 8.46
N PRO A 72 14.18 28.19 8.92
CA PRO A 72 13.65 27.64 10.17
C PRO A 72 13.30 26.16 10.02
N GLY A 73 13.52 25.40 11.09
CA GLY A 73 13.26 23.99 11.07
C GLY A 73 11.77 23.70 10.90
N PRO A 74 11.43 22.42 10.67
CA PRO A 74 10.01 22.07 10.60
C PRO A 74 9.30 22.41 11.91
N ASP A 75 8.07 22.88 11.77
CA ASP A 75 7.28 23.38 12.88
C ASP A 75 5.81 23.29 12.47
N PHE A 76 5.34 22.07 12.18
CA PHE A 76 4.06 21.85 11.54
C PHE A 76 2.99 21.54 12.59
N ASP A 77 1.88 22.27 12.55
CA ASP A 77 0.75 21.99 13.44
C ASP A 77 -0.15 20.98 12.73
N LEU A 78 -0.07 19.72 13.13
CA LEU A 78 -0.84 18.70 12.43
C LEU A 78 -2.30 18.68 12.85
N ARG A 79 -2.67 19.41 13.89
CA ARG A 79 -4.09 19.55 14.25
C ARG A 79 -4.79 20.65 13.49
N ASP A 80 -4.05 21.57 12.85
CA ASP A 80 -4.65 22.71 12.18
C ASP A 80 -5.66 22.25 11.13
N GLY A 81 -6.88 22.77 11.21
CA GLY A 81 -7.91 22.45 10.26
C GLY A 81 -8.78 21.27 10.61
N TYR A 82 -8.46 20.54 11.69
CA TYR A 82 -9.33 19.46 12.13
C TYR A 82 -10.43 20.02 13.04
N PRO A 83 -11.70 19.75 12.76
CA PRO A 83 -12.20 18.97 11.62
C PRO A 83 -12.90 19.82 10.56
N ASP A 84 -12.89 21.14 10.70
CA ASP A 84 -13.69 21.97 9.81
C ASP A 84 -13.07 22.15 8.43
N ARG A 85 -11.82 21.80 8.23
CA ARG A 85 -11.22 21.77 6.90
C ARG A 85 -10.84 20.35 6.50
N TYR A 86 -11.63 19.38 6.96
CA TYR A 86 -11.42 17.96 6.71
C TYR A 86 -12.59 17.45 5.88
N GLN A 87 -12.29 16.90 4.70
CA GLN A 87 -13.29 16.23 3.87
C GLN A 87 -12.87 14.76 3.75
N PRO A 88 -13.33 13.89 4.65
CA PRO A 88 -12.89 12.50 4.62
C PRO A 88 -13.64 11.68 3.59
N ARG A 89 -12.91 10.78 2.94
CA ARG A 89 -13.51 9.82 2.04
C ARG A 89 -14.56 8.99 2.78
N ASP A 90 -15.66 8.67 2.09
CA ASP A 90 -16.68 7.81 2.67
C ASP A 90 -16.20 6.37 2.64
N GLU A 91 -15.76 5.86 3.78
CA GLU A 91 -15.20 4.52 3.83
C GLU A 91 -16.26 3.43 3.73
N GLU A 92 -17.56 3.77 3.77
CA GLU A 92 -18.57 2.75 3.56
C GLU A 92 -18.61 2.28 2.11
N VAL A 93 -18.26 3.15 1.16
CA VAL A 93 -18.18 2.74 -0.24
C VAL A 93 -16.99 1.81 -0.41
N GLN A 94 -17.26 0.58 -0.83
CA GLN A 94 -16.21 -0.42 -1.02
C GLN A 94 -15.90 -0.52 -2.51
N GLU A 95 -14.82 0.14 -2.92
CA GLU A 95 -14.44 0.19 -4.33
C GLU A 95 -13.72 -1.07 -4.80
N ARG A 96 -13.12 -1.83 -3.89
CA ARG A 96 -12.41 -3.06 -4.22
C ARG A 96 -11.40 -2.76 -5.33
N LEU A 97 -11.35 -3.52 -6.42
CA LEU A 97 -10.38 -3.30 -7.48
C LEU A 97 -10.88 -2.37 -8.58
N ASP A 98 -12.06 -1.77 -8.43
CA ASP A 98 -12.74 -1.14 -9.55
C ASP A 98 -11.89 -0.10 -10.29
N HIS A 99 -11.16 0.75 -9.56
CA HIS A 99 -10.36 1.78 -10.24
C HIS A 99 -9.18 1.18 -11.00
N LEU A 100 -8.51 0.19 -10.42
CA LEU A 100 -7.42 -0.46 -11.14
C LEU A 100 -7.92 -1.20 -12.38
N LEU A 101 -9.09 -1.84 -12.26
CA LEU A 101 -9.66 -2.54 -13.39
C LEU A 101 -9.98 -1.58 -14.53
N ARG A 102 -10.46 -0.38 -14.21
CA ARG A 102 -10.68 0.60 -15.27
C ARG A 102 -9.37 0.91 -15.99
N TRP A 103 -8.28 1.09 -15.23
CA TRP A 103 -6.99 1.36 -15.84
C TRP A 103 -6.58 0.21 -16.75
N VAL A 104 -6.74 -1.03 -16.27
CA VAL A 104 -6.34 -2.20 -17.06
C VAL A 104 -7.15 -2.26 -18.34
N LEU A 105 -8.46 -1.99 -18.25
CA LEU A 105 -9.31 -2.00 -19.44
C LEU A 105 -8.82 -0.97 -20.46
N GLU A 106 -8.40 0.21 -20.00
CA GLU A 106 -7.97 1.26 -20.89
C GLU A 106 -6.54 1.06 -21.38
N HIS A 107 -5.85 0.03 -20.92
CA HIS A 107 -4.46 -0.19 -21.32
C HIS A 107 -4.19 -1.66 -21.66
N ARG A 108 -5.24 -2.46 -21.85
CA ARG A 108 -5.07 -3.91 -21.96
C ARG A 108 -4.30 -4.28 -23.22
N ASN A 109 -4.61 -3.64 -24.34
CA ASN A 109 -3.86 -3.93 -25.56
C ASN A 109 -2.43 -3.39 -25.46
N GLN A 110 -2.26 -2.23 -24.82
CA GLN A 110 -0.97 -1.58 -24.69
C GLN A 110 -0.09 -2.18 -23.60
N LEU A 111 -0.46 -3.32 -23.03
CA LEU A 111 0.34 -3.91 -21.96
C LEU A 111 1.61 -4.51 -22.54
N GLU A 112 2.70 -4.41 -21.76
CA GLU A 112 3.98 -5.00 -22.16
C GLU A 112 3.94 -6.51 -22.05
N GLY A 113 5.11 -7.15 -21.97
CA GLY A 113 5.22 -8.59 -21.85
C GLY A 113 4.76 -9.38 -23.05
N GLY A 114 4.20 -8.73 -24.08
CA GLY A 114 3.76 -9.43 -25.25
C GLY A 114 2.46 -10.17 -25.04
N PRO A 115 2.14 -11.09 -25.95
CA PRO A 115 0.83 -11.76 -25.91
C PRO A 115 0.75 -12.72 -24.72
N GLY A 116 -0.27 -12.52 -23.89
CA GLY A 116 -0.55 -13.42 -22.81
C GLY A 116 0.21 -13.15 -21.52
N TRP A 117 0.89 -12.00 -21.39
CA TRP A 117 1.52 -11.70 -20.10
C TRP A 117 0.47 -11.52 -19.02
N LEU A 118 -0.58 -10.76 -19.32
CA LEU A 118 -1.62 -10.54 -18.32
C LEU A 118 -2.23 -11.86 -17.87
N ALA A 119 -2.38 -12.81 -18.78
CA ALA A 119 -3.00 -14.08 -18.41
C ALA A 119 -2.20 -14.83 -17.36
N GLY A 120 -0.90 -14.59 -17.29
CA GLY A 120 -0.07 -15.23 -16.28
C GLY A 120 0.19 -14.38 -15.05
N ALA A 121 -0.43 -13.23 -14.92
CA ALA A 121 -0.13 -12.32 -13.82
C ALA A 121 -1.15 -12.43 -12.68
N THR A 122 -0.79 -11.82 -11.56
CA THR A 122 -1.69 -11.60 -10.44
C THR A 122 -1.90 -10.09 -10.32
N VAL A 123 -3.15 -9.68 -10.16
CA VAL A 123 -3.53 -8.28 -10.16
C VAL A 123 -4.09 -7.93 -8.79
N THR A 124 -3.56 -6.86 -8.17
CA THR A 124 -4.05 -6.48 -6.84
C THR A 124 -3.63 -5.06 -6.51
N TRP A 125 -4.00 -4.60 -5.32
CA TRP A 125 -3.54 -3.34 -4.77
C TRP A 125 -2.24 -3.56 -4.03
N ARG A 126 -1.34 -2.57 -4.11
CA ARG A 126 -0.09 -2.62 -3.34
C ARG A 126 -0.33 -2.99 -1.88
N GLY A 127 -1.36 -2.38 -1.28
CA GLY A 127 -1.62 -2.60 0.14
C GLY A 127 -2.01 -4.04 0.46
N HIS A 128 -2.60 -4.75 -0.51
CA HIS A 128 -2.90 -6.16 -0.28
C HIS A 128 -1.62 -6.98 -0.18
N LEU A 129 -0.65 -6.69 -1.05
CA LEU A 129 0.65 -7.37 -0.98
C LEU A 129 1.40 -7.01 0.29
N THR A 130 1.29 -5.76 0.72
CA THR A 130 1.94 -5.34 1.96
C THR A 130 1.45 -6.20 3.13
N LYS A 131 0.14 -6.45 3.21
CA LYS A 131 -0.39 -7.30 4.29
C LYS A 131 0.15 -8.71 4.22
N LEU A 132 0.28 -9.25 3.00
CA LEU A 132 0.91 -10.57 2.87
C LEU A 132 2.35 -10.54 3.36
N LEU A 133 3.12 -9.54 2.96
N LEU A 133 3.11 -9.53 2.95
CA LEU A 133 4.52 -9.48 3.35
CA LEU A 133 4.52 -9.43 3.35
C LEU A 133 4.69 -9.48 4.86
C LEU A 133 4.68 -9.47 4.85
N THR A 134 3.83 -8.77 5.58
CA THR A 134 3.99 -8.65 7.03
C THR A 134 3.34 -9.80 7.80
N THR A 135 2.63 -10.69 7.11
CA THR A 135 1.85 -11.73 7.82
C THR A 135 2.68 -12.58 8.76
N PRO A 136 3.91 -13.03 8.42
CA PRO A 136 4.65 -13.84 9.40
C PRO A 136 4.97 -13.15 10.71
N TYR A 137 4.92 -11.82 10.76
CA TYR A 137 5.30 -11.06 11.95
C TYR A 137 4.12 -10.36 12.60
N GLU A 138 2.95 -10.44 11.97
CA GLU A 138 1.78 -9.69 12.40
C GLU A 138 1.11 -10.40 13.56
N ARG A 139 0.90 -9.68 14.66
CA ARG A 139 0.34 -10.30 15.85
C ARG A 139 -0.96 -9.66 16.31
N GLN A 140 -1.48 -8.65 15.61
CA GLN A 140 -2.68 -7.95 16.04
C GLN A 140 -3.87 -8.15 15.11
N GLU A 141 -3.71 -7.95 13.82
CA GLU A 141 -4.86 -7.83 12.91
C GLU A 141 -4.81 -8.91 11.84
N GLY A 142 -5.90 -9.67 11.74
CA GLY A 142 -6.05 -10.65 10.68
C GLY A 142 -6.55 -9.99 9.41
N TRP A 143 -6.71 -10.83 8.37
CA TRP A 143 -7.20 -10.31 7.10
C TRP A 143 -7.98 -11.39 6.35
N GLN A 144 -8.69 -10.96 5.31
CA GLN A 144 -9.34 -11.83 4.35
C GLN A 144 -9.06 -11.31 2.96
N LEU A 145 -8.76 -12.23 2.04
CA LEU A 145 -8.47 -11.88 0.65
C LEU A 145 -9.36 -12.74 -0.23
N ALA A 146 -10.17 -12.09 -1.06
CA ALA A 146 -10.97 -12.78 -2.06
C ALA A 146 -10.14 -12.92 -3.34
N ALA A 147 -10.20 -14.10 -3.94
CA ALA A 147 -9.45 -14.42 -5.14
C ALA A 147 -10.40 -14.97 -6.19
N SER A 148 -10.28 -14.49 -7.42
CA SER A 148 -11.03 -14.99 -8.57
C SER A 148 -10.08 -15.06 -9.75
N ARG A 149 -10.16 -16.14 -10.50
CA ARG A 149 -9.40 -16.28 -11.74
C ARG A 149 -10.31 -15.95 -12.93
N PHE A 150 -9.83 -15.11 -13.84
CA PHE A 150 -10.61 -14.71 -15.01
C PHE A 150 -9.68 -14.52 -16.20
N GLN A 151 -9.89 -15.32 -17.25
CA GLN A 151 -9.01 -15.33 -18.43
C GLN A 151 -7.55 -15.56 -18.02
N GLY A 152 -7.35 -16.48 -17.09
CA GLY A 152 -6.03 -16.91 -16.64
C GLY A 152 -5.52 -16.07 -15.49
N THR A 153 -5.79 -14.77 -15.54
CA THR A 153 -5.34 -13.82 -14.53
C THR A 153 -5.96 -14.10 -13.17
N LEU A 154 -5.13 -14.03 -12.13
CA LEU A 154 -5.58 -14.19 -10.76
C LEU A 154 -5.79 -12.81 -10.16
N TYR A 155 -7.00 -12.52 -9.69
CA TYR A 155 -7.31 -11.23 -9.08
C TYR A 155 -7.48 -11.40 -7.57
N LEU A 156 -6.83 -10.53 -6.80
CA LEU A 156 -6.90 -10.58 -5.34
C LEU A 156 -7.48 -9.27 -4.82
N SER A 157 -8.48 -9.37 -3.96
CA SER A 157 -9.19 -8.19 -3.46
C SER A 157 -9.53 -8.36 -1.99
N GLU A 158 -9.08 -7.43 -1.15
CA GLU A 158 -9.27 -7.58 0.29
C GLU A 158 -10.74 -7.49 0.67
N VAL A 159 -11.12 -8.27 1.67
CA VAL A 159 -12.45 -8.21 2.28
C VAL A 159 -12.29 -7.73 3.72
N GLU A 160 -13.08 -6.73 4.11
CA GLU A 160 -13.03 -6.26 5.49
C GLU A 160 -13.54 -7.34 6.43
N THR A 161 -12.75 -7.68 7.45
CA THR A 161 -13.18 -8.69 8.41
C THR A 161 -14.32 -8.12 9.27
N PRO A 162 -15.12 -8.99 9.90
CA PRO A 162 -16.15 -8.47 10.82
C PRO A 162 -15.56 -7.60 11.93
N ALA A 163 -14.44 -8.02 12.52
CA ALA A 163 -13.81 -7.21 13.56
C ALA A 163 -13.36 -5.86 13.02
N ALA A 164 -12.68 -5.85 11.86
CA ALA A 164 -12.23 -4.60 11.28
C ALA A 164 -13.40 -3.64 11.05
N ARG A 165 -14.51 -4.16 10.53
CA ARG A 165 -15.66 -3.32 10.26
C ARG A 165 -16.22 -2.72 11.54
N ALA A 166 -16.35 -3.54 12.59
CA ALA A 166 -16.82 -3.02 13.88
C ALA A 166 -15.85 -2.00 14.45
N GLN A 167 -14.55 -2.23 14.28
CA GLN A 167 -13.57 -1.26 14.77
C GLN A 167 -13.62 0.03 13.97
N ARG A 168 -13.89 -0.07 12.67
CA ARG A 168 -13.99 1.14 11.86
C ARG A 168 -15.20 1.97 12.27
N LEU A 169 -16.37 1.33 12.36
CA LEU A 169 -17.59 2.04 12.72
C LEU A 169 -17.49 2.68 14.10
N ALA A 170 -16.71 2.07 15.01
CA ALA A 170 -16.57 2.54 16.39
C ALA A 170 -15.20 3.18 16.62
N ARG A 171 -14.72 3.94 15.66
CA ARG A 171 -13.39 4.52 15.73
C ARG A 171 -13.34 5.64 16.78
N PRO A 172 -12.49 5.55 17.79
CA PRO A 172 -12.46 6.57 18.86
C PRO A 172 -12.03 7.93 18.31
N PRO A 173 -12.41 9.01 18.99
CA PRO A 173 -12.02 10.35 18.50
C PRO A 173 -10.52 10.53 18.37
N LEU A 174 -9.75 9.94 19.28
CA LEU A 174 -8.30 10.07 19.24
C LEU A 174 -7.74 9.43 17.96
N LEU A 175 -8.29 8.28 17.57
CA LEU A 175 -7.83 7.61 16.37
C LEU A 175 -8.22 8.39 15.11
N ARG A 176 -9.43 8.94 15.08
CA ARG A 176 -9.84 9.71 13.91
C ARG A 176 -8.99 10.94 13.74
N GLU A 177 -8.60 11.58 14.86
CA GLU A 177 -7.73 12.74 14.77
C GLU A 177 -6.32 12.32 14.40
N LEU A 178 -5.83 11.20 14.93
CA LEU A 178 -4.53 10.68 14.53
C LEU A 178 -4.47 10.42 13.03
N MET A 179 -5.54 9.85 12.47
CA MET A 179 -5.56 9.61 11.02
C MET A 179 -5.52 10.91 10.24
N TYR A 180 -6.25 11.93 10.69
CA TYR A 180 -6.19 13.24 10.04
C TYR A 180 -4.78 13.81 10.06
N MET A 181 -4.09 13.71 11.20
CA MET A 181 -2.76 14.29 11.34
C MET A 181 -1.78 13.72 10.32
N GLY A 182 -1.89 12.42 10.02
CA GLY A 182 -1.01 11.84 9.01
C GLY A 182 -1.25 12.40 7.62
N TYR A 183 -2.51 12.64 7.27
CA TYR A 183 -2.83 13.32 6.01
C TYR A 183 -2.40 14.78 6.04
N LYS A 184 -2.60 15.47 7.16
CA LYS A 184 -2.19 16.87 7.28
C LYS A 184 -0.68 17.04 7.12
N PHE A 185 0.11 16.07 7.59
CA PHE A 185 1.55 16.15 7.42
C PHE A 185 1.93 16.27 5.95
N GLU A 186 1.22 15.56 5.07
CA GLU A 186 1.52 15.67 3.63
C GLU A 186 1.31 17.08 3.12
N GLN A 187 0.31 17.78 3.67
CA GLN A 187 0.00 19.14 3.23
C GLN A 187 1.11 20.12 3.58
N TYR A 188 1.87 19.86 4.65
CA TYR A 188 3.02 20.68 4.99
C TYR A 188 4.27 20.35 4.21
N MET A 189 4.32 19.17 3.56
CA MET A 189 5.53 18.70 2.91
C MET A 189 5.44 18.66 1.39
N CYS A 190 4.27 18.92 0.81
CA CYS A 190 4.03 18.76 -0.62
C CYS A 190 3.40 20.02 -1.19
N ALA A 191 3.64 20.24 -2.47
CA ALA A 191 3.12 21.41 -3.17
C ALA A 191 2.41 20.96 -4.44
N ASP A 192 1.45 21.76 -4.91
CA ASP A 192 0.74 21.38 -6.12
C ASP A 192 1.58 21.56 -7.38
N LYS A 193 2.62 22.37 -7.32
CA LYS A 193 3.53 22.55 -8.44
C LYS A 193 4.95 22.29 -7.98
N PRO A 194 5.83 21.85 -8.90
CA PRO A 194 7.23 21.62 -8.52
C PRO A 194 7.87 22.88 -7.98
N GLY A 195 8.62 22.73 -6.89
CA GLY A 195 9.23 23.86 -6.24
C GLY A 195 8.29 24.79 -5.54
N GLY A 196 6.99 24.49 -5.54
CA GLY A 196 6.03 25.39 -4.96
C GLY A 196 6.10 25.37 -3.44
N SER A 197 5.46 26.35 -2.85
CA SER A 197 5.39 26.38 -1.39
C SER A 197 4.20 25.56 -0.92
N PRO A 198 4.37 24.63 0.02
CA PRO A 198 3.20 23.94 0.56
C PRO A 198 2.21 24.94 1.12
N ASP A 199 0.92 24.63 0.98
CA ASP A 199 -0.15 25.51 1.44
C ASP A 199 -1.04 24.78 2.44
N PRO A 200 -0.82 24.96 3.74
CA PRO A 200 -1.65 24.26 4.73
C PRO A 200 -2.96 24.96 5.05
N SER A 201 -3.27 26.08 4.39
CA SER A 201 -4.49 26.79 4.70
C SER A 201 -5.72 26.15 4.08
N GLY A 202 -5.54 25.15 3.21
CA GLY A 202 -6.63 24.55 2.48
C GLY A 202 -7.21 23.34 3.21
N GLU A 203 -8.02 22.59 2.47
CA GLU A 203 -8.73 21.44 3.03
C GLU A 203 -7.91 20.17 2.86
N VAL A 204 -8.01 19.28 3.84
CA VAL A 204 -7.55 17.91 3.70
C VAL A 204 -8.72 17.12 3.14
N ASN A 205 -8.59 16.65 1.90
CA ASN A 205 -9.66 15.90 1.23
C ASN A 205 -9.08 14.54 0.86
N THR A 206 -9.48 13.49 1.59
CA THR A 206 -8.86 12.20 1.36
C THR A 206 -9.56 11.40 0.27
N ASN A 207 -10.45 12.01 -0.51
CA ASN A 207 -10.85 11.38 -1.76
C ASN A 207 -9.75 11.51 -2.81
N VAL A 208 -8.92 12.55 -2.70
CA VAL A 208 -7.90 12.83 -3.70
C VAL A 208 -6.79 11.79 -3.58
N ALA A 209 -6.39 11.22 -4.72
CA ALA A 209 -5.33 10.22 -4.70
C ALA A 209 -4.64 10.15 -6.06
N TYR A 210 -3.33 10.01 -6.05
CA TYR A 210 -2.55 9.71 -7.23
C TYR A 210 -2.01 8.29 -7.11
N CYS A 211 -2.26 7.48 -8.13
CA CYS A 211 -1.91 6.06 -8.06
C CYS A 211 -0.95 5.70 -9.18
N SER A 212 0.16 5.08 -8.82
CA SER A 212 1.09 4.53 -9.79
C SER A 212 0.69 3.09 -10.10
N VAL A 213 0.73 2.71 -11.38
CA VAL A 213 0.47 1.33 -11.78
C VAL A 213 1.80 0.70 -12.16
N LEU A 214 2.13 -0.41 -11.51
CA LEU A 214 3.46 -1.01 -11.63
C LEU A 214 3.39 -2.46 -12.07
N ARG A 215 4.46 -2.89 -12.72
CA ARG A 215 4.66 -4.28 -13.06
C ARG A 215 5.90 -4.78 -12.32
N SER A 216 5.81 -5.99 -11.76
CA SER A 216 6.98 -6.59 -11.15
C SER A 216 6.89 -8.10 -11.31
N ARG A 217 7.77 -8.82 -10.60
CA ARG A 217 7.67 -10.27 -10.55
C ARG A 217 8.32 -10.73 -9.26
N LEU A 218 7.62 -11.58 -8.51
CA LEU A 218 8.16 -12.22 -7.31
C LEU A 218 8.32 -13.70 -7.61
N GLY A 219 9.56 -14.18 -7.58
CA GLY A 219 9.88 -15.52 -8.05
C GLY A 219 9.36 -15.74 -9.45
N ASN A 220 8.52 -16.76 -9.62
CA ASN A 220 7.91 -17.00 -10.93
C ASN A 220 6.48 -16.47 -11.00
N HIS A 221 6.12 -15.47 -10.18
CA HIS A 221 4.78 -14.88 -10.15
C HIS A 221 4.79 -13.46 -10.71
N PRO A 222 4.43 -13.24 -11.97
CA PRO A 222 4.31 -11.87 -12.48
C PRO A 222 3.22 -11.12 -11.72
N LEU A 223 3.47 -9.83 -11.47
CA LEU A 223 2.57 -8.98 -10.69
C LEU A 223 2.19 -7.71 -11.44
N LEU A 224 0.92 -7.34 -11.37
CA LEU A 224 0.45 -6.03 -11.79
C LEU A 224 -0.29 -5.44 -10.59
N PHE A 225 0.18 -4.31 -10.10
CA PHE A 225 -0.45 -3.75 -8.92
C PHE A 225 -0.35 -2.23 -8.97
N SER A 226 -1.25 -1.60 -8.23
CA SER A 226 -1.27 -0.15 -8.17
C SER A 226 -1.16 0.27 -6.71
N GLY A 227 -0.61 1.45 -6.50
CA GLY A 227 -0.49 1.96 -5.16
C GLY A 227 -0.55 3.47 -5.15
N ALA A 228 -1.19 4.04 -4.13
CA ALA A 228 -1.23 5.48 -4.01
C ALA A 228 0.14 6.02 -3.57
N VAL A 229 0.56 7.11 -4.21
CA VAL A 229 1.86 7.72 -4.00
C VAL A 229 1.68 9.09 -3.35
N ASP A 230 2.50 9.39 -2.35
CA ASP A 230 2.35 10.64 -1.61
C ASP A 230 2.83 11.84 -2.42
N CYS A 231 4.03 11.76 -3.00
CA CYS A 231 4.50 12.89 -3.80
C CYS A 231 5.70 12.48 -4.64
N LEU A 232 6.05 13.38 -5.54
CA LEU A 232 7.16 13.21 -6.48
C LEU A 232 8.24 14.21 -6.11
N ASN A 233 9.49 13.77 -6.07
CA ASN A 233 10.59 14.68 -5.79
C ASN A 233 11.15 15.17 -7.11
N PRO A 234 10.92 16.44 -7.48
CA PRO A 234 11.40 16.92 -8.78
C PRO A 234 12.91 17.03 -8.84
N GLN A 235 13.55 17.19 -7.69
CA GLN A 235 14.99 17.26 -7.53
C GLN A 235 15.62 15.88 -7.37
N ALA A 236 14.84 14.81 -7.52
CA ALA A 236 15.37 13.49 -7.35
C ALA A 236 16.42 13.21 -8.42
N PRO A 237 17.47 12.46 -8.08
CA PRO A 237 18.51 12.14 -9.09
C PRO A 237 17.94 11.47 -10.33
N CYS A 238 17.12 10.45 -10.15
CA CYS A 238 16.53 9.74 -11.28
C CYS A 238 15.14 10.29 -11.58
N THR A 239 14.90 10.61 -12.86
CA THR A 239 13.59 11.01 -13.33
C THR A 239 12.70 9.84 -13.70
N GLN A 240 13.24 8.62 -13.71
CA GLN A 240 12.50 7.43 -14.13
C GLN A 240 11.66 6.92 -12.97
N PRO A 241 10.33 6.98 -13.06
CA PRO A 241 9.51 6.48 -11.97
C PRO A 241 9.62 4.97 -11.90
N PRO A 242 9.42 4.38 -10.70
CA PRO A 242 8.95 4.93 -9.43
C PRO A 242 10.04 5.52 -8.57
N SER A 243 11.27 5.60 -9.11
CA SER A 243 12.43 5.96 -8.30
C SER A 243 12.39 7.40 -7.80
N CYS A 244 11.57 8.27 -8.39
CA CYS A 244 11.48 9.64 -7.96
C CYS A 244 10.40 9.88 -6.89
N TYR A 245 9.61 8.86 -6.57
CA TYR A 245 8.53 9.02 -5.61
C TYR A 245 9.06 9.06 -4.18
N VAL A 246 8.31 9.71 -3.31
CA VAL A 246 8.65 9.81 -1.88
C VAL A 246 7.43 9.34 -1.09
N GLU A 247 7.67 8.53 -0.06
CA GLU A 247 6.61 8.18 0.89
C GLU A 247 6.76 9.05 2.14
N LEU A 248 5.66 9.62 2.61
CA LEU A 248 5.63 10.43 3.82
C LEU A 248 4.92 9.69 4.94
N LYS A 249 5.46 9.79 6.15
CA LYS A 249 4.98 9.06 7.32
C LYS A 249 5.09 9.96 8.53
N THR A 250 4.23 9.74 9.53
CA THR A 250 4.42 10.34 10.85
C THR A 250 4.59 9.26 11.91
N SER A 251 5.23 9.64 13.00
CA SER A 251 5.38 8.75 14.13
C SER A 251 5.59 9.61 15.37
N LYS A 252 5.25 9.07 16.53
CA LYS A 252 5.47 9.81 17.76
C LYS A 252 6.95 10.07 17.96
N GLU A 253 7.27 11.21 18.59
CA GLU A 253 8.63 11.47 19.02
C GLU A 253 9.13 10.35 19.91
N MET A 254 10.41 10.03 19.80
CA MET A 254 11.03 9.00 20.63
C MET A 254 12.22 9.57 21.39
N HIS A 255 12.41 9.08 22.61
CA HIS A 255 13.40 9.65 23.51
C HIS A 255 14.38 8.65 24.11
N SER A 256 14.10 7.36 24.04
CA SER A 256 14.96 6.33 24.60
C SER A 256 15.36 5.31 23.53
N PRO A 257 16.49 4.64 23.71
CA PRO A 257 16.82 3.54 22.80
C PRO A 257 15.78 2.44 22.79
N GLY A 258 15.11 2.19 23.92
CA GLY A 258 14.06 1.19 23.94
C GLY A 258 12.90 1.58 23.05
N GLN A 259 12.55 2.86 23.03
CA GLN A 259 11.48 3.34 22.16
C GLN A 259 11.89 3.23 20.70
N TRP A 260 13.13 3.62 20.37
CA TRP A 260 13.59 3.45 18.98
C TRP A 260 13.58 1.97 18.59
N ARG A 261 13.99 1.09 19.50
CA ARG A 261 14.01 -0.34 19.21
C ARG A 261 12.61 -0.86 18.89
N SER A 262 11.61 -0.46 19.68
CA SER A 262 10.24 -0.88 19.39
C SER A 262 9.78 -0.36 18.04
N PHE A 263 10.17 0.87 17.70
CA PHE A 263 9.89 1.45 16.39
C PHE A 263 10.53 0.63 15.26
N TYR A 264 11.81 0.31 15.40
CA TYR A 264 12.50 -0.50 14.38
C TYR A 264 11.81 -1.84 14.15
N ARG A 265 11.33 -2.47 15.23
CA ARG A 265 10.84 -3.84 15.14
C ARG A 265 9.44 -3.92 14.57
N HIS A 266 8.61 -2.91 14.83
CA HIS A 266 7.20 -2.98 14.50
C HIS A 266 6.80 -2.00 13.41
N LYS A 267 7.16 -0.72 13.55
CA LYS A 267 6.70 0.24 12.57
C LYS A 267 7.53 0.19 11.29
N LEU A 268 8.85 0.09 11.41
CA LEU A 268 9.68 0.09 10.22
C LEU A 268 9.38 -1.10 9.32
N LEU A 269 8.96 -2.25 9.89
CA LEU A 269 8.60 -3.38 9.04
C LEU A 269 7.47 -3.02 8.10
N LYS A 270 6.45 -2.35 8.64
CA LYS A 270 5.31 -1.93 7.82
C LYS A 270 5.73 -0.91 6.78
N TRP A 271 6.59 0.05 7.17
CA TRP A 271 7.06 1.03 6.21
C TRP A 271 7.89 0.37 5.12
N TRP A 272 8.79 -0.55 5.49
CA TRP A 272 9.56 -1.26 4.48
C TRP A 272 8.65 -2.00 3.50
N ALA A 273 7.71 -2.77 4.03
CA ALA A 273 6.90 -3.61 3.15
C ALA A 273 6.05 -2.77 2.20
N GLN A 274 5.62 -1.59 2.63
CA GLN A 274 4.83 -0.71 1.77
C GLN A 274 5.66 -0.10 0.66
N SER A 275 6.90 0.33 0.96
CA SER A 275 7.70 1.06 -0.03
C SER A 275 8.63 0.16 -0.84
N PHE A 276 8.94 -1.03 -0.34
CA PHE A 276 9.81 -1.93 -1.09
C PHE A 276 9.15 -2.40 -2.39
N LEU A 277 7.91 -2.89 -2.29
CA LEU A 277 7.22 -3.45 -3.46
C LEU A 277 7.16 -2.48 -4.64
N PRO A 278 6.71 -1.23 -4.50
CA PRO A 278 6.70 -0.32 -5.64
C PRO A 278 8.04 0.32 -5.93
N GLY A 279 9.08 0.00 -5.18
CA GLY A 279 10.38 0.57 -5.47
C GLY A 279 10.51 2.02 -5.11
N VAL A 280 9.81 2.47 -4.07
CA VAL A 280 9.96 3.83 -3.54
C VAL A 280 11.20 3.85 -2.67
N PRO A 281 12.20 4.67 -2.98
CA PRO A 281 13.49 4.56 -2.30
C PRO A 281 13.57 5.25 -0.95
N HIS A 282 12.76 6.27 -0.68
CA HIS A 282 12.89 7.03 0.55
C HIS A 282 11.55 7.17 1.25
N VAL A 283 11.56 6.97 2.56
CA VAL A 283 10.45 7.33 3.43
C VAL A 283 10.91 8.51 4.27
N VAL A 284 10.18 9.62 4.20
CA VAL A 284 10.48 10.79 5.01
C VAL A 284 9.48 10.82 6.16
N ALA A 285 9.97 10.80 7.40
CA ALA A 285 9.14 10.71 8.59
C ALA A 285 9.18 12.02 9.37
N GLY A 286 8.00 12.49 9.76
CA GLY A 286 7.89 13.60 10.70
C GLY A 286 7.52 13.07 12.07
N PHE A 287 8.29 13.49 13.06
CA PHE A 287 8.08 13.02 14.43
C PHE A 287 7.25 14.06 15.18
N ARG A 288 6.08 13.65 15.66
CA ARG A 288 5.15 14.58 16.27
C ARG A 288 5.22 14.47 17.79
N ASN A 289 5.15 15.61 18.46
CA ASN A 289 5.18 15.66 19.92
C ASN A 289 3.78 15.47 20.48
N PRO A 290 3.63 15.35 21.81
CA PRO A 290 2.29 15.09 22.37
C PRO A 290 1.26 16.15 22.05
N GLU A 291 1.67 17.39 21.79
CA GLU A 291 0.73 18.46 21.47
C GLU A 291 0.34 18.48 20.00
N GLY A 292 0.86 17.56 19.19
CA GLY A 292 0.50 17.45 17.80
C GLY A 292 1.34 18.26 16.82
N PHE A 293 2.52 18.67 17.22
CA PHE A 293 3.42 19.42 16.34
C PHE A 293 4.52 18.50 15.83
N VAL A 294 4.91 18.66 14.56
CA VAL A 294 6.10 18.01 14.01
C VAL A 294 7.24 19.01 14.04
N CYS A 295 8.25 18.73 14.86
CA CYS A 295 9.40 19.62 14.95
C CYS A 295 10.69 18.92 14.52
N SER A 296 10.60 17.76 13.88
CA SER A 296 11.81 17.09 13.40
C SER A 296 11.44 16.13 12.28
N LEU A 297 12.39 15.94 11.37
CA LEU A 297 12.23 15.11 10.19
C LEU A 297 13.40 14.15 10.11
N LYS A 298 13.15 12.95 9.58
CA LYS A 298 14.23 12.01 9.33
C LYS A 298 13.91 11.21 8.07
N THR A 299 14.92 10.97 7.25
CA THR A 299 14.74 10.19 6.02
C THR A 299 15.22 8.77 6.26
N PHE A 300 14.40 7.80 5.89
CA PHE A 300 14.71 6.38 6.02
C PHE A 300 14.78 5.77 4.63
N PRO A 301 15.97 5.52 4.09
CA PRO A 301 16.04 4.83 2.80
C PRO A 301 15.50 3.42 2.94
N THR A 302 14.59 3.06 2.04
CA THR A 302 13.91 1.76 2.13
C THR A 302 14.92 0.61 2.17
N MET A 303 15.99 0.72 1.39
CA MET A 303 16.92 -0.40 1.29
C MET A 303 17.85 -0.50 2.49
N GLU A 304 17.81 0.46 3.41
CA GLU A 304 18.60 0.40 4.62
C GLU A 304 17.76 0.12 5.86
N MET A 305 16.42 -0.03 5.73
CA MET A 305 15.58 -0.21 6.91
C MET A 305 15.91 -1.49 7.66
N PHE A 306 16.17 -2.59 6.95
CA PHE A 306 16.47 -3.85 7.61
C PHE A 306 17.76 -3.77 8.44
N GLU A 307 18.68 -2.86 8.11
CA GLU A 307 19.92 -2.77 8.87
C GLU A 307 19.63 -2.54 10.36
N ASN A 308 18.55 -1.82 10.67
CA ASN A 308 18.22 -1.54 12.06
C ASN A 308 17.83 -2.80 12.84
N VAL A 309 17.46 -3.89 12.17
CA VAL A 309 17.04 -5.07 12.91
C VAL A 309 17.82 -6.33 12.52
N ARG A 310 18.87 -6.15 11.71
CA ARG A 310 19.59 -7.31 11.16
C ARG A 310 20.20 -8.16 12.27
N ASN A 311 20.60 -7.55 13.37
CA ASN A 311 21.21 -8.28 14.47
C ASN A 311 20.35 -8.24 15.72
N ASP A 312 19.04 -8.25 15.54
CA ASP A 312 18.07 -8.14 16.62
C ASP A 312 17.36 -9.48 16.75
N ARG A 313 17.47 -10.11 17.93
CA ARG A 313 16.76 -11.36 18.16
C ARG A 313 15.25 -11.21 17.99
N GLU A 314 14.71 -10.00 18.14
CA GLU A 314 13.27 -9.81 18.03
C GLU A 314 12.91 -9.05 16.76
N GLY A 315 13.83 -9.03 15.78
CA GLY A 315 13.62 -8.27 14.58
C GLY A 315 12.86 -9.04 13.52
N TRP A 316 12.65 -8.38 12.40
CA TRP A 316 12.02 -8.98 11.24
C TRP A 316 13.08 -9.20 10.17
N ASN A 317 12.72 -9.96 9.14
CA ASN A 317 13.66 -10.33 8.09
C ASN A 317 12.95 -10.27 6.75
N PRO A 318 13.42 -9.41 5.83
CA PRO A 318 12.73 -9.27 4.54
C PRO A 318 12.69 -10.54 3.73
N SER A 319 13.65 -11.46 3.94
CA SER A 319 13.61 -12.72 3.20
C SER A 319 12.41 -13.54 3.61
N VAL A 320 12.10 -13.56 4.90
CA VAL A 320 10.90 -14.25 5.39
C VAL A 320 9.64 -13.63 4.82
N CYS A 321 9.55 -12.29 4.85
CA CYS A 321 8.40 -11.60 4.26
C CYS A 321 8.20 -12.00 2.79
N MET A 322 9.27 -11.92 1.99
CA MET A 322 9.16 -12.19 0.57
C MET A 322 8.94 -13.67 0.28
N ASN A 323 9.57 -14.56 1.06
CA ASN A 323 9.39 -15.98 0.80
C ASN A 323 8.00 -16.43 1.17
N PHE A 324 7.42 -15.85 2.22
CA PHE A 324 6.03 -16.16 2.53
C PHE A 324 5.10 -15.64 1.45
N CYS A 325 5.34 -14.41 0.99
CA CYS A 325 4.49 -13.87 -0.07
C CYS A 325 4.53 -14.75 -1.31
N ALA A 326 5.73 -15.21 -1.68
CA ALA A 326 5.84 -16.14 -2.80
C ALA A 326 5.07 -17.43 -2.52
N ALA A 327 5.20 -17.96 -1.31
CA ALA A 327 4.48 -19.19 -0.96
C ALA A 327 2.98 -19.00 -1.03
N PHE A 328 2.48 -17.84 -0.58
CA PHE A 328 1.05 -17.58 -0.68
C PHE A 328 0.59 -17.49 -2.13
N LEU A 329 1.34 -16.79 -2.97
CA LEU A 329 0.94 -16.69 -4.38
C LEU A 329 0.92 -18.07 -5.03
N SER A 330 1.90 -18.93 -4.73
CA SER A 330 1.83 -20.30 -5.24
C SER A 330 0.62 -21.05 -4.67
N PHE A 331 0.38 -20.88 -3.37
CA PHE A 331 -0.77 -21.48 -2.71
C PHE A 331 -2.07 -21.01 -3.34
N ALA A 332 -2.18 -19.70 -3.59
CA ALA A 332 -3.39 -19.18 -4.21
C ALA A 332 -3.54 -19.68 -5.64
N GLN A 333 -2.45 -19.68 -6.41
CA GLN A 333 -2.53 -20.11 -7.80
C GLN A 333 -3.00 -21.56 -7.89
N SER A 334 -2.45 -22.45 -7.05
CA SER A 334 -2.86 -23.84 -7.15
C SER A 334 -4.22 -24.11 -6.53
N THR A 335 -4.68 -23.24 -5.62
CA THR A 335 -6.00 -23.43 -5.02
C THR A 335 -7.10 -22.99 -5.99
N VAL A 336 -6.88 -21.90 -6.72
CA VAL A 336 -7.93 -21.28 -7.53
C VAL A 336 -7.84 -21.91 -8.92
N VAL A 337 -8.49 -23.06 -9.06
CA VAL A 337 -8.39 -23.80 -10.32
C VAL A 337 -9.37 -23.29 -11.36
N GLN A 338 -10.58 -22.92 -10.94
CA GLN A 338 -11.63 -22.58 -11.89
C GLN A 338 -11.45 -21.16 -12.43
N ASP A 339 -11.53 -21.03 -13.75
CA ASP A 339 -11.57 -19.74 -14.44
C ASP A 339 -13.03 -19.30 -14.47
N ASP A 340 -13.46 -18.53 -13.44
CA ASP A 340 -14.84 -18.08 -13.29
C ASP A 340 -14.89 -16.77 -12.48
N PRO A 341 -15.35 -15.67 -13.09
CA PRO A 341 -15.35 -14.39 -12.37
C PRO A 341 -16.41 -14.27 -11.29
N ARG A 342 -17.37 -15.18 -11.22
CA ARG A 342 -18.37 -15.21 -10.17
C ARG A 342 -17.95 -16.04 -8.97
N LEU A 343 -16.88 -16.82 -9.11
CA LEU A 343 -16.41 -17.71 -8.06
C LEU A 343 -15.32 -17.04 -7.26
N VAL A 344 -15.40 -17.14 -5.94
CA VAL A 344 -14.43 -16.52 -5.05
C VAL A 344 -13.86 -17.59 -4.13
N HIS A 345 -12.54 -17.71 -4.11
CA HIS A 345 -11.86 -18.40 -3.03
C HIS A 345 -11.44 -17.36 -2.01
N LEU A 346 -12.01 -17.45 -0.80
CA LEU A 346 -11.74 -16.50 0.26
C LEU A 346 -10.64 -17.05 1.15
N PHE A 347 -9.52 -16.33 1.22
CA PHE A 347 -8.39 -16.71 2.07
C PHE A 347 -8.46 -15.92 3.37
N SER A 348 -8.56 -16.62 4.50
CA SER A 348 -8.74 -15.98 5.80
C SER A 348 -7.55 -16.31 6.69
N TRP A 349 -7.12 -15.31 7.47
CA TRP A 349 -5.97 -15.47 8.34
C TRP A 349 -6.17 -14.65 9.60
N GLU A 350 -5.86 -15.26 10.75
CA GLU A 350 -5.78 -14.61 12.04
C GLU A 350 -4.42 -14.91 12.65
N PRO A 351 -3.87 -13.98 13.43
CA PRO A 351 -2.54 -14.19 14.02
C PRO A 351 -2.44 -15.52 14.75
N GLY A 352 -1.32 -16.20 14.56
CA GLY A 352 -1.03 -17.49 15.18
C GLY A 352 -1.68 -18.70 14.52
N GLY A 353 -2.42 -18.51 13.43
CA GLY A 353 -3.08 -19.62 12.76
C GLY A 353 -2.58 -19.70 11.33
N PRO A 354 -3.04 -20.70 10.59
CA PRO A 354 -2.70 -20.78 9.17
C PRO A 354 -3.69 -20.00 8.33
N VAL A 355 -3.30 -19.76 7.09
CA VAL A 355 -4.25 -19.23 6.11
C VAL A 355 -5.17 -20.34 5.68
N THR A 356 -6.48 -20.16 5.84
CA THR A 356 -7.45 -21.16 5.44
C THR A 356 -8.30 -20.63 4.29
N VAL A 357 -8.99 -21.54 3.61
CA VAL A 357 -9.72 -21.20 2.39
C VAL A 357 -11.17 -21.65 2.53
N SER A 358 -12.10 -20.83 2.02
CA SER A 358 -13.48 -21.22 1.83
C SER A 358 -13.91 -20.75 0.45
N VAL A 359 -14.97 -21.36 -0.08
CA VAL A 359 -15.39 -21.13 -1.45
C VAL A 359 -16.78 -20.52 -1.44
N HIS A 360 -16.97 -19.46 -2.24
CA HIS A 360 -18.22 -18.72 -2.30
C HIS A 360 -18.48 -18.33 -3.73
N ARG A 361 -19.73 -17.94 -4.01
CA ARG A 361 -20.11 -17.56 -5.36
C ARG A 361 -21.07 -16.39 -5.32
N ASP A 362 -20.92 -15.51 -6.31
CA ASP A 362 -21.79 -14.34 -6.51
C ASP A 362 -21.71 -13.44 -5.28
N ALA A 363 -22.78 -12.68 -5.02
CA ALA A 363 -22.80 -11.78 -3.89
C ALA A 363 -22.69 -12.56 -2.59
N PRO A 364 -22.06 -11.97 -1.55
CA PRO A 364 -21.49 -10.62 -1.62
C PRO A 364 -20.01 -10.59 -2.01
N TYR A 365 -19.36 -11.76 -2.07
CA TYR A 365 -17.90 -11.81 -2.19
C TYR A 365 -17.40 -11.56 -3.60
N ALA A 366 -18.17 -11.94 -4.62
CA ALA A 366 -17.75 -11.72 -6.00
C ALA A 366 -17.48 -10.23 -6.23
N PHE A 367 -16.33 -9.93 -6.84
CA PHE A 367 -15.86 -8.55 -6.91
C PHE A 367 -15.50 -8.07 -8.31
N LEU A 368 -15.39 -8.96 -9.29
CA LEU A 368 -15.14 -8.50 -10.66
C LEU A 368 -16.44 -7.98 -11.26
N PRO A 369 -16.55 -6.71 -11.59
CA PRO A 369 -17.83 -6.17 -12.05
C PRO A 369 -18.12 -6.56 -13.50
N SER A 370 -19.42 -6.60 -13.84
CA SER A 370 -19.82 -7.02 -15.17
C SER A 370 -19.22 -6.13 -16.26
N TRP A 371 -19.05 -4.82 -15.99
CA TRP A 371 -18.52 -3.95 -17.05
C TRP A 371 -17.10 -4.35 -17.43
N TYR A 372 -16.33 -4.87 -16.47
CA TYR A 372 -14.99 -5.37 -16.79
C TYR A 372 -15.05 -6.73 -17.48
N VAL A 373 -15.81 -7.66 -16.91
CA VAL A 373 -15.88 -9.01 -17.45
C VAL A 373 -16.44 -9.01 -18.87
N GLU A 374 -17.48 -8.22 -19.11
CA GLU A 374 -18.10 -8.24 -20.45
C GLU A 374 -17.18 -7.64 -21.50
N THR A 375 -16.47 -6.56 -21.15
CA THR A 375 -15.54 -5.96 -22.08
C THR A 375 -14.39 -6.89 -22.39
N MET A 376 -13.84 -7.55 -21.36
CA MET A 376 -12.76 -8.49 -21.61
C MET A 376 -13.24 -9.71 -22.39
N THR A 377 -14.48 -10.14 -22.18
CA THR A 377 -15.00 -11.30 -22.91
C THR A 377 -15.15 -11.00 -24.39
N GLN A 378 -15.68 -9.84 -24.74
CA GLN A 378 -15.87 -9.47 -26.13
C GLN A 378 -14.54 -9.26 -26.84
P1 A3P B . 0.68 7.96 8.53
O1P A3P B . 0.20 7.33 9.83
O2P A3P B . 1.66 9.08 8.81
O3P A3P B . 1.24 6.90 7.65
P2 A3P B . 0.42 6.66 4.09
O4P A3P B . 0.62 7.51 2.81
O5P A3P B . 0.55 5.18 3.84
O6P A3P B . 1.49 7.12 5.07
O5' A3P B . -1.01 6.87 4.70
C5' A3P B . -1.47 8.21 4.86
C4' A3P B . -2.37 8.29 6.14
O4' A3P B . -3.42 7.52 6.06
C3' A3P B . -1.67 7.71 7.35
O3' A3P B . -0.68 8.60 7.84
C2' A3P B . -2.87 7.61 8.33
O2' A3P B . -3.04 8.93 9.01
C1' A3P B . -3.92 7.43 7.59
N9 A3P B . -4.57 6.12 7.90
C8 A3P B . -5.29 5.66 6.86
N7 A3P B . -5.84 4.48 7.23
C5 A3P B . -5.47 4.23 8.49
C6 A3P B . -5.76 3.16 9.36
N6 A3P B . -6.57 2.00 9.09
N1 A3P B . -5.25 3.15 10.63
C2 A3P B . -4.45 4.17 11.06
N3 A3P B . -4.16 5.23 10.20
C4 A3P B . -4.67 5.25 8.92
MG MG C . 2.35 8.41 3.52
MG MG D . -0.07 7.72 0.95
#